data_3ZV4
#
_entry.id   3ZV4
#
_cell.length_a   75.784
_cell.length_b   75.784
_cell.length_c   181.782
_cell.angle_alpha   90.00
_cell.angle_beta   90.00
_cell.angle_gamma   90.00
#
_symmetry.space_group_name_H-M   'P 43 21 2'
#
loop_
_entity.id
_entity.type
_entity.pdbx_description
1 polymer 'CIS-2,3-DIHYDROBIPHENYL-2,3-DIOL DEHYDROGENASE'
2 water water
#
_entity_poly.entity_id   1
_entity_poly.type   'polypeptide(L)'
_entity_poly.pdbx_seq_one_letter_code
;MKLTGEVALITGGASGLGRALVDRFVAEGARVAVLDKSAERLRELEVAHGGNAVGVVGDVRSLQDQKRAAERCLAAFGKI
DTLIPNAGIWDYSTALADLPEDKIDAAFDDIFHVNVKGYIHAVKACLPALVSSRGSVVFTISNAGFYPNGGGPLYTATKH
AVVGLVRQMAFELAPHVRVNGVAPGGMNTDLRGPSSLGLSEQSISSVPLADMLKSVLPIGRMPALEEYTGAYVFFATRGD
SLPATGALLNYDGGMGVRGFLTAAGGADLPEKLNINREGQE
;
_entity_poly.pdbx_strand_id   A,B
#
# COMPACT_ATOMS: atom_id res chain seq x y z
N MET A 1 13.68 -4.70 -15.74
CA MET A 1 13.62 -4.81 -14.26
C MET A 1 13.03 -3.54 -13.63
N LYS A 2 12.44 -3.70 -12.47
CA LYS A 2 11.63 -2.64 -11.87
C LYS A 2 12.43 -1.45 -11.31
N LEU A 3 13.67 -1.72 -10.88
CA LEU A 3 14.45 -0.75 -10.12
C LEU A 3 15.81 -0.40 -10.73
N THR A 4 15.94 -0.49 -12.06
CA THR A 4 17.22 -0.21 -12.73
C THR A 4 17.69 1.22 -12.47
N GLY A 5 18.92 1.36 -11.98
CA GLY A 5 19.51 2.68 -11.72
C GLY A 5 19.23 3.21 -10.32
N GLU A 6 18.33 2.54 -9.60
CA GLU A 6 17.96 2.99 -8.26
C GLU A 6 18.98 2.53 -7.24
N VAL A 7 19.19 3.38 -6.23
CA VAL A 7 20.08 3.07 -5.13
C VAL A 7 19.29 3.07 -3.81
N ALA A 8 19.37 1.96 -3.08
CA ALA A 8 18.72 1.84 -1.79
C ALA A 8 19.74 1.53 -0.69
N LEU A 9 19.41 1.94 0.53
CA LEU A 9 20.20 1.61 1.71
C LEU A 9 19.25 0.90 2.64
N ILE A 10 19.66 -0.29 3.06
CA ILE A 10 18.80 -1.17 3.86
C ILE A 10 19.54 -1.48 5.14
N THR A 11 18.99 -1.09 6.29
CA THR A 11 19.59 -1.47 7.58
C THR A 11 19.05 -2.84 8.01
N GLY A 12 19.90 -3.65 8.65
CA GLY A 12 19.55 -5.01 8.99
C GLY A 12 19.36 -5.90 7.78
N GLY A 13 20.15 -5.64 6.75
CA GLY A 13 20.02 -6.37 5.50
C GLY A 13 20.86 -7.64 5.36
N ALA A 14 21.60 -8.02 6.39
CA ALA A 14 22.48 -9.21 6.27
C ALA A 14 21.73 -10.52 6.43
N SER A 15 20.53 -10.50 7.01
CA SER A 15 19.76 -11.71 7.21
C SER A 15 18.26 -11.41 7.27
N GLY A 16 17.43 -12.45 7.33
CA GLY A 16 15.99 -12.25 7.49
C GLY A 16 15.36 -11.54 6.31
N LEU A 17 14.27 -10.82 6.58
CA LEU A 17 13.60 -10.01 5.54
C LEU A 17 14.56 -9.04 4.85
N GLY A 18 15.43 -8.40 5.63
CA GLY A 18 16.41 -7.46 5.09
C GLY A 18 17.29 -8.06 4.00
N ARG A 19 17.74 -9.30 4.21
CA ARG A 19 18.53 -9.98 3.17
C ARG A 19 17.69 -10.36 1.95
N ALA A 20 16.45 -10.80 2.20
CA ALA A 20 15.52 -11.07 1.10
C ALA A 20 15.27 -9.82 0.26
N LEU A 21 15.19 -8.67 0.94
CA LEU A 21 15.07 -7.39 0.27
C LEU A 21 16.32 -7.02 -0.51
N VAL A 22 17.49 -7.24 0.07
CA VAL A 22 18.73 -6.98 -0.67
C VAL A 22 18.72 -7.78 -1.96
N ASP A 23 18.44 -9.08 -1.84
CA ASP A 23 18.45 -9.99 -2.96
C ASP A 23 17.46 -9.59 -4.02
N ARG A 24 16.26 -9.22 -3.60
CA ARG A 24 15.22 -8.82 -4.52
C ARG A 24 15.59 -7.52 -5.23
N PHE A 25 16.05 -6.55 -4.47
CA PHE A 25 16.39 -5.24 -5.02
C PHE A 25 17.48 -5.35 -6.07
N VAL A 26 18.51 -6.13 -5.77
CA VAL A 26 19.60 -6.38 -6.72
C VAL A 26 19.07 -7.07 -7.97
N ALA A 27 18.27 -8.11 -7.80
CA ALA A 27 17.62 -8.81 -8.94
C ALA A 27 16.80 -7.82 -9.79
N GLU A 28 16.21 -6.82 -9.15
CA GLU A 28 15.45 -5.78 -9.85
C GLU A 28 16.31 -4.64 -10.43
N GLY A 29 17.63 -4.79 -10.36
CA GLY A 29 18.55 -3.83 -10.99
C GLY A 29 19.00 -2.69 -10.09
N ALA A 30 18.61 -2.74 -8.82
CA ALA A 30 19.01 -1.72 -7.86
C ALA A 30 20.47 -1.95 -7.40
N ARG A 31 21.09 -0.88 -6.90
CA ARG A 31 22.37 -0.96 -6.16
C ARG A 31 22.00 -0.81 -4.69
N VAL A 32 22.63 -1.60 -3.80
CA VAL A 32 22.20 -1.64 -2.38
C VAL A 32 23.36 -1.54 -1.36
N ALA A 33 23.30 -0.53 -0.52
CA ALA A 33 24.19 -0.41 0.64
C ALA A 33 23.45 -1.01 1.84
N VAL A 34 24.16 -1.83 2.60
CA VAL A 34 23.58 -2.53 3.74
C VAL A 34 24.41 -2.16 4.98
N LEU A 35 23.73 -1.73 6.04
CA LEU A 35 24.32 -1.59 7.38
C LEU A 35 23.89 -2.77 8.23
N ASP A 36 24.86 -3.48 8.80
CA ASP A 36 24.53 -4.56 9.72
C ASP A 36 25.75 -4.87 10.58
N LYS A 37 25.54 -5.70 11.59
CA LYS A 37 26.56 -6.00 12.59
C LYS A 37 27.56 -7.04 12.10
N SER A 38 27.09 -8.04 11.34
CA SER A 38 27.97 -9.16 10.98
C SER A 38 28.89 -8.87 9.80
N ALA A 39 30.18 -8.78 10.07
CA ALA A 39 31.16 -8.53 9.01
C ALA A 39 31.13 -9.69 8.00
N GLU A 40 31.09 -10.92 8.52
CA GLU A 40 31.11 -12.13 7.68
C GLU A 40 29.88 -12.23 6.79
N ARG A 41 28.70 -12.03 7.34
CA ARG A 41 27.48 -12.10 6.54
C ARG A 41 27.44 -10.97 5.51
N LEU A 42 27.96 -9.79 5.87
CA LEU A 42 28.06 -8.69 4.92
C LEU A 42 29.01 -9.00 3.75
N ARG A 43 30.19 -9.55 4.02
CA ARG A 43 31.11 -9.88 2.93
C ARG A 43 30.52 -10.94 2.01
N GLU A 44 29.79 -11.89 2.59
CA GLU A 44 29.08 -12.93 1.83
C GLU A 44 28.05 -12.30 0.89
N LEU A 45 27.31 -11.32 1.39
CA LEU A 45 26.31 -10.61 0.60
C LEU A 45 26.96 -9.78 -0.52
N GLU A 46 28.10 -9.14 -0.24
CA GLU A 46 28.83 -8.36 -1.25
C GLU A 46 29.27 -9.23 -2.43
N VAL A 47 29.79 -10.40 -2.13
CA VAL A 47 30.24 -11.36 -3.14
C VAL A 47 29.06 -11.97 -3.91
N ALA A 48 27.93 -12.11 -3.24
CA ALA A 48 26.73 -12.64 -3.88
C ALA A 48 26.25 -11.68 -4.96
N HIS A 49 26.45 -10.38 -4.74
CA HIS A 49 25.93 -9.36 -5.63
C HIS A 49 27.01 -8.43 -6.18
N GLY A 50 28.11 -9.01 -6.60
CA GLY A 50 29.31 -8.27 -7.01
C GLY A 50 29.11 -6.99 -7.80
N GLY A 51 29.31 -5.86 -7.12
CA GLY A 51 29.23 -4.55 -7.76
C GLY A 51 27.90 -3.87 -7.50
N ASN A 52 26.88 -4.65 -7.14
CA ASN A 52 25.54 -4.13 -6.87
C ASN A 52 25.19 -4.06 -5.40
N ALA A 53 26.08 -4.52 -4.52
CA ALA A 53 25.88 -4.33 -3.08
C ALA A 53 27.18 -3.90 -2.39
N VAL A 54 27.04 -3.10 -1.33
CA VAL A 54 28.17 -2.73 -0.49
C VAL A 54 27.73 -2.88 0.97
N GLY A 55 28.60 -3.49 1.77
CA GLY A 55 28.30 -3.78 3.17
C GLY A 55 29.09 -2.91 4.11
N VAL A 56 28.39 -2.33 5.07
CA VAL A 56 28.96 -1.44 6.06
C VAL A 56 28.74 -2.12 7.41
N VAL A 57 29.83 -2.43 8.08
CA VAL A 57 29.76 -3.09 9.38
C VAL A 57 29.49 -2.03 10.44
N GLY A 58 28.43 -2.21 11.21
CA GLY A 58 28.14 -1.22 12.22
C GLY A 58 26.92 -1.51 13.05
N ASP A 59 26.65 -0.56 13.94
CA ASP A 59 25.64 -0.65 14.97
C ASP A 59 24.51 0.29 14.59
N VAL A 60 23.34 -0.26 14.28
CA VAL A 60 22.19 0.54 13.86
C VAL A 60 21.72 1.55 14.91
N ARG A 61 22.09 1.30 16.17
CA ARG A 61 21.82 2.22 17.26
C ARG A 61 22.69 3.47 17.23
N SER A 62 23.77 3.44 16.44
CA SER A 62 24.75 4.53 16.39
C SER A 62 24.53 5.45 15.21
N LEU A 63 24.34 6.73 15.51
CA LEU A 63 24.16 7.73 14.49
C LEU A 63 25.42 7.79 13.65
N GLN A 64 26.58 7.72 14.29
CA GLN A 64 27.83 7.76 13.56
C GLN A 64 27.97 6.60 12.58
N ASP A 65 27.49 5.41 12.95
CA ASP A 65 27.55 4.24 12.06
C ASP A 65 26.51 4.35 10.92
N GLN A 66 25.34 4.92 11.21
CA GLN A 66 24.35 5.20 10.16
C GLN A 66 24.91 6.20 9.15
N LYS A 67 25.63 7.20 9.65
CA LYS A 67 26.28 8.22 8.79
C LYS A 67 27.41 7.62 7.97
N ARG A 68 28.17 6.70 8.55
CA ARG A 68 29.19 5.94 7.81
C ARG A 68 28.56 5.16 6.66
N ALA A 69 27.41 4.55 6.91
CA ALA A 69 26.66 3.83 5.90
C ALA A 69 26.18 4.73 4.76
N ALA A 70 25.54 5.84 5.11
CA ALA A 70 25.12 6.82 4.10
C ALA A 70 26.32 7.27 3.24
N GLU A 71 27.43 7.56 3.91
CA GLU A 71 28.64 8.04 3.23
C GLU A 71 29.19 6.98 2.25
N ARG A 72 29.26 5.74 2.71
CA ARG A 72 29.75 4.62 1.90
C ARG A 72 28.86 4.39 0.68
N CYS A 73 27.56 4.50 0.87
CA CYS A 73 26.60 4.33 -0.22
C CYS A 73 26.86 5.40 -1.30
N LEU A 74 26.95 6.65 -0.85
CA LEU A 74 27.27 7.78 -1.73
C LEU A 74 28.63 7.59 -2.43
N ALA A 75 29.62 7.09 -1.70
CA ALA A 75 30.94 6.85 -2.28
C ALA A 75 30.90 5.75 -3.34
N ALA A 76 30.13 4.70 -3.11
CA ALA A 76 30.08 3.56 -4.04
C ALA A 76 29.13 3.80 -5.22
N PHE A 77 28.01 4.46 -4.95
CA PHE A 77 26.87 4.47 -5.87
C PHE A 77 26.39 5.88 -6.26
N GLY A 78 26.91 6.91 -5.60
CA GLY A 78 26.66 8.31 -5.99
C GLY A 78 25.40 9.00 -5.47
N LYS A 79 24.46 8.24 -4.93
CA LYS A 79 23.18 8.77 -4.44
C LYS A 79 22.50 7.74 -3.54
N ILE A 80 21.46 8.18 -2.85
CA ILE A 80 20.54 7.31 -2.13
C ILE A 80 19.14 7.73 -2.56
N ASP A 81 18.44 6.81 -3.21
CA ASP A 81 17.07 7.02 -3.65
C ASP A 81 16.06 6.58 -2.61
N THR A 82 16.23 5.37 -2.07
CA THR A 82 15.26 4.81 -1.12
C THR A 82 16.03 4.32 0.12
N LEU A 83 15.67 4.84 1.28
CA LEU A 83 16.19 4.33 2.54
C LEU A 83 15.18 3.36 3.15
N ILE A 84 15.63 2.18 3.57
CA ILE A 84 14.74 1.22 4.19
C ILE A 84 15.24 0.86 5.59
N PRO A 85 14.82 1.63 6.61
CA PRO A 85 15.20 1.27 7.96
C PRO A 85 14.39 0.04 8.36
N ASN A 86 15.08 -1.06 8.64
CA ASN A 86 14.46 -2.36 8.77
C ASN A 86 14.97 -3.21 9.94
N ALA A 87 16.13 -2.88 10.52
CA ALA A 87 16.69 -3.70 11.60
C ALA A 87 15.81 -3.60 12.83
N GLY A 88 15.48 -4.75 13.39
CA GLY A 88 14.61 -4.82 14.56
C GLY A 88 14.95 -6.05 15.37
N ILE A 89 14.75 -5.98 16.68
CA ILE A 89 14.84 -7.17 17.52
C ILE A 89 13.50 -7.38 18.20
N TRP A 90 13.21 -8.65 18.52
CA TRP A 90 11.92 -9.03 19.09
C TRP A 90 12.03 -9.11 20.61
N ASP A 91 10.94 -9.37 21.32
CA ASP A 91 10.97 -9.50 22.79
C ASP A 91 10.43 -10.82 23.28
N TYR A 92 10.42 -11.81 22.40
CA TYR A 92 9.93 -13.17 22.73
C TYR A 92 8.44 -13.17 23.09
N SER A 93 7.73 -12.10 22.76
CA SER A 93 6.35 -11.90 23.19
C SER A 93 6.22 -11.97 24.72
N THR A 94 7.28 -11.57 25.41
CA THR A 94 7.31 -11.60 26.87
C THR A 94 6.32 -10.59 27.47
N ALA A 95 5.33 -11.12 28.19
CA ALA A 95 4.25 -10.31 28.79
C ALA A 95 4.81 -9.42 29.89
N LEU A 96 4.18 -8.28 30.13
CA LEU A 96 4.60 -7.40 31.23
C LEU A 96 4.80 -8.16 32.55
N ALA A 97 3.85 -9.02 32.87
CA ALA A 97 3.89 -9.81 34.12
C ALA A 97 5.11 -10.73 34.21
N ASP A 98 5.65 -11.11 33.05
CA ASP A 98 6.80 -12.00 32.94
C ASP A 98 8.13 -11.29 32.73
N LEU A 99 8.10 -9.97 32.53
CA LEU A 99 9.31 -9.17 32.48
C LEU A 99 9.82 -9.03 33.91
N PRO A 100 11.02 -9.57 34.20
CA PRO A 100 11.52 -9.43 35.57
C PRO A 100 11.87 -7.98 35.89
N GLU A 101 11.66 -7.57 37.14
CA GLU A 101 11.97 -6.22 37.60
C GLU A 101 13.44 -5.80 37.35
N ASP A 102 14.37 -6.74 37.46
CA ASP A 102 15.78 -6.38 37.37
C ASP A 102 16.30 -6.38 35.93
N LYS A 103 15.45 -6.69 34.95
CA LYS A 103 15.86 -6.71 33.55
C LYS A 103 15.06 -5.77 32.63
N ILE A 104 13.94 -5.28 33.12
CA ILE A 104 12.99 -4.50 32.31
C ILE A 104 13.60 -3.19 31.78
N ASP A 105 14.37 -2.51 32.62
CA ASP A 105 15.02 -1.25 32.21
C ASP A 105 15.99 -1.45 31.05
N ALA A 106 16.89 -2.40 31.24
CA ALA A 106 17.85 -2.80 30.22
C ALA A 106 17.16 -3.24 28.94
N ALA A 107 16.16 -4.10 29.07
CA ALA A 107 15.41 -4.61 27.92
C ALA A 107 14.74 -3.46 27.16
N PHE A 108 14.19 -2.50 27.90
CA PHE A 108 13.53 -1.34 27.27
C PHE A 108 14.50 -0.63 26.35
N ASP A 109 15.70 -0.37 26.88
CA ASP A 109 16.72 0.33 26.12
C ASP A 109 17.16 -0.46 24.91
N ASP A 110 17.39 -1.76 25.11
CA ASP A 110 17.90 -2.59 24.02
C ASP A 110 16.95 -2.55 22.83
N ILE A 111 15.67 -2.82 23.09
N ILE A 111 15.67 -2.80 23.10
CA ILE A 111 14.68 -2.96 22.03
CA ILE A 111 14.67 -2.95 22.06
C ILE A 111 14.32 -1.60 21.44
C ILE A 111 14.32 -1.60 21.44
N PHE A 112 14.19 -0.56 22.27
CA PHE A 112 13.88 0.78 21.76
C PHE A 112 15.04 1.45 21.00
N HIS A 113 16.27 1.25 21.48
CA HIS A 113 17.45 1.78 20.79
C HIS A 113 17.54 1.20 19.40
N VAL A 114 17.31 -0.10 19.25
CA VAL A 114 17.33 -0.73 17.92
C VAL A 114 16.12 -0.35 17.10
N ASN A 115 14.92 -0.64 17.62
CA ASN A 115 13.68 -0.59 16.82
C ASN A 115 13.18 0.83 16.50
N VAL A 116 13.47 1.77 17.37
CA VAL A 116 13.01 3.14 17.17
C VAL A 116 14.18 4.09 16.95
N LYS A 117 15.13 4.13 17.88
CA LYS A 117 16.25 5.04 17.72
C LYS A 117 17.06 4.78 16.44
N GLY A 118 17.32 3.51 16.14
CA GLY A 118 18.02 3.14 14.91
C GLY A 118 17.33 3.60 13.64
N TYR A 119 15.99 3.68 13.70
CA TYR A 119 15.22 4.19 12.58
C TYR A 119 15.37 5.68 12.48
N ILE A 120 15.26 6.37 13.62
CA ILE A 120 15.48 7.82 13.69
C ILE A 120 16.88 8.18 13.14
N HIS A 121 17.88 7.43 13.57
CA HIS A 121 19.26 7.72 13.14
C HIS A 121 19.51 7.44 11.66
N ALA A 122 18.95 6.35 11.16
CA ALA A 122 19.04 6.05 9.72
C ALA A 122 18.52 7.21 8.87
N VAL A 123 17.32 7.66 9.18
CA VAL A 123 16.70 8.76 8.46
C VAL A 123 17.56 10.04 8.61
N LYS A 124 18.00 10.32 9.84
CA LYS A 124 18.84 11.47 10.12
C LYS A 124 20.11 11.40 9.28
N ALA A 125 20.78 10.25 9.27
CA ALA A 125 22.04 10.13 8.54
C ALA A 125 21.86 10.34 7.01
N CYS A 126 20.72 9.87 6.48
CA CYS A 126 20.46 9.87 5.04
C CYS A 126 19.72 11.09 4.54
N LEU A 127 19.46 12.06 5.41
CA LEU A 127 18.54 13.15 5.06
C LEU A 127 19.07 14.04 3.92
N PRO A 128 20.35 14.49 3.98
CA PRO A 128 20.91 15.21 2.84
C PRO A 128 20.78 14.49 1.49
N ALA A 129 21.15 13.20 1.49
CA ALA A 129 21.06 12.36 0.29
C ALA A 129 19.63 12.24 -0.23
N LEU A 130 18.67 12.01 0.66
CA LEU A 130 17.27 11.82 0.28
C LEU A 130 16.64 13.12 -0.24
N VAL A 131 16.94 14.23 0.41
CA VAL A 131 16.49 15.54 -0.08
C VAL A 131 17.11 15.81 -1.48
N SER A 132 18.40 15.51 -1.63
CA SER A 132 19.09 15.70 -2.91
C SER A 132 18.46 14.90 -4.05
N SER A 133 18.09 13.66 -3.77
CA SER A 133 17.50 12.76 -4.76
C SER A 133 15.97 12.84 -4.85
N ARG A 134 15.37 13.61 -3.96
CA ARG A 134 13.92 13.64 -3.80
C ARG A 134 13.37 12.22 -3.71
N GLY A 135 13.94 11.51 -2.73
CA GLY A 135 13.72 10.09 -2.57
C GLY A 135 12.66 9.82 -1.55
N SER A 136 12.83 8.70 -0.86
CA SER A 136 11.82 8.23 0.05
C SER A 136 12.39 7.25 1.07
N VAL A 137 11.64 7.12 2.16
CA VAL A 137 11.92 6.23 3.28
C VAL A 137 10.78 5.21 3.35
N VAL A 138 11.15 3.93 3.44
CA VAL A 138 10.19 2.85 3.65
C VAL A 138 10.60 2.11 4.93
N PHE A 139 9.88 2.39 6.01
CA PHE A 139 10.07 1.71 7.29
C PHE A 139 9.49 0.32 7.29
N THR A 140 10.23 -0.63 7.86
CA THR A 140 9.65 -1.92 8.21
C THR A 140 8.97 -1.80 9.56
N ILE A 141 7.65 -1.97 9.56
CA ILE A 141 6.89 -1.93 10.79
C ILE A 141 6.68 -3.41 11.19
N SER A 142 5.43 -3.85 11.32
CA SER A 142 5.06 -5.19 11.79
C SER A 142 3.56 -5.13 12.04
N ASN A 143 2.91 -6.29 12.02
CA ASN A 143 1.55 -6.37 12.56
C ASN A 143 1.51 -5.87 14.01
N ALA A 144 2.62 -6.01 14.73
CA ALA A 144 2.76 -5.52 16.12
C ALA A 144 2.67 -3.99 16.21
N GLY A 145 2.68 -3.32 15.06
CA GLY A 145 2.52 -1.87 15.02
C GLY A 145 1.06 -1.45 15.02
N PHE A 146 0.14 -2.43 14.89
CA PHE A 146 -1.31 -2.19 14.72
C PHE A 146 -2.22 -3.02 15.61
N TYR A 147 -1.81 -4.24 15.94
CA TYR A 147 -2.61 -5.16 16.73
C TYR A 147 -1.80 -5.73 17.87
N PRO A 148 -2.47 -6.19 18.93
CA PRO A 148 -1.75 -6.89 20.00
C PRO A 148 -1.33 -8.33 19.66
N ASN A 149 -0.55 -8.93 20.55
CA ASN A 149 -0.22 -10.37 20.52
C ASN A 149 0.77 -10.76 19.41
N GLY A 150 1.34 -9.78 18.73
CA GLY A 150 2.48 -10.00 17.84
C GLY A 150 3.80 -9.75 18.55
N GLY A 151 3.73 -9.53 19.87
CA GLY A 151 4.92 -9.22 20.69
C GLY A 151 4.47 -8.80 22.08
N GLY A 152 5.40 -8.65 23.01
CA GLY A 152 5.07 -8.15 24.35
C GLY A 152 4.80 -6.66 24.32
N PRO A 153 4.62 -6.04 25.50
CA PRO A 153 4.47 -4.58 25.50
C PRO A 153 5.68 -3.86 24.90
N LEU A 154 6.89 -4.39 25.08
CA LEU A 154 8.07 -3.68 24.56
C LEU A 154 8.06 -3.64 23.04
N TYR A 155 7.98 -4.81 22.42
CA TYR A 155 8.02 -4.87 20.98
C TYR A 155 6.83 -4.16 20.31
N THR A 156 5.65 -4.35 20.90
CA THR A 156 4.43 -3.73 20.38
C THR A 156 4.51 -2.19 20.44
N ALA A 157 4.97 -1.66 21.57
CA ALA A 157 5.23 -0.23 21.72
C ALA A 157 6.24 0.30 20.69
N THR A 158 7.32 -0.44 20.44
CA THR A 158 8.33 0.04 19.49
C THR A 158 7.75 0.12 18.11
N LYS A 159 6.97 -0.88 17.73
CA LYS A 159 6.41 -0.90 16.37
C LYS A 159 5.26 0.08 16.20
N HIS A 160 4.47 0.32 17.24
CA HIS A 160 3.54 1.45 17.19
C HIS A 160 4.29 2.77 17.09
N ALA A 161 5.43 2.88 17.79
CA ALA A 161 6.28 4.08 17.72
C ALA A 161 6.70 4.38 16.29
N VAL A 162 6.98 3.32 15.53
CA VAL A 162 7.40 3.47 14.14
C VAL A 162 6.29 4.04 13.26
N VAL A 163 5.04 3.67 13.56
CA VAL A 163 3.88 4.28 12.88
C VAL A 163 3.91 5.77 13.10
N GLY A 164 4.22 6.19 14.32
CA GLY A 164 4.44 7.61 14.62
C GLY A 164 5.55 8.22 13.78
N LEU A 165 6.64 7.50 13.58
CA LEU A 165 7.72 7.98 12.72
C LEU A 165 7.25 8.18 11.28
N VAL A 166 6.47 7.22 10.77
CA VAL A 166 5.91 7.34 9.42
C VAL A 166 5.16 8.67 9.31
N ARG A 167 4.25 8.89 10.24
CA ARG A 167 3.41 10.09 10.19
C ARG A 167 4.18 11.37 10.36
N GLN A 168 5.01 11.47 11.40
CA GLN A 168 5.71 12.72 11.66
C GLN A 168 6.76 13.03 10.60
N MET A 169 7.48 12.01 10.14
CA MET A 169 8.50 12.24 9.13
C MET A 169 7.88 12.46 7.77
N ALA A 170 6.71 11.88 7.47
CA ALA A 170 6.03 12.22 6.20
C ALA A 170 5.71 13.72 6.18
N PHE A 171 5.27 14.22 7.34
CA PHE A 171 5.02 15.65 7.51
C PHE A 171 6.29 16.50 7.45
N GLU A 172 7.29 16.15 8.26
CA GLU A 172 8.49 16.98 8.41
C GLU A 172 9.32 17.07 7.14
N LEU A 173 9.39 15.97 6.39
CA LEU A 173 10.27 15.91 5.24
C LEU A 173 9.58 16.26 3.94
N ALA A 174 8.25 16.40 3.97
CA ALA A 174 7.52 16.95 2.82
C ALA A 174 7.95 18.41 2.56
N PRO A 175 8.01 18.83 1.28
CA PRO A 175 7.65 18.10 0.06
C PRO A 175 8.80 17.36 -0.60
N HIS A 176 9.93 17.24 0.10
CA HIS A 176 11.17 16.76 -0.51
C HIS A 176 11.37 15.25 -0.46
N VAL A 177 11.06 14.63 0.68
CA VAL A 177 11.24 13.20 0.87
C VAL A 177 9.89 12.59 1.29
N ARG A 178 9.46 11.53 0.59
CA ARG A 178 8.24 10.78 0.99
C ARG A 178 8.61 9.71 2.02
N VAL A 179 7.66 9.41 2.91
CA VAL A 179 7.91 8.50 4.00
C VAL A 179 6.68 7.60 4.15
N ASN A 180 6.87 6.30 3.98
CA ASN A 180 5.80 5.30 4.07
C ASN A 180 6.23 4.09 4.89
N GLY A 181 5.28 3.23 5.24
CA GLY A 181 5.56 2.04 6.06
C GLY A 181 4.93 0.78 5.47
N VAL A 182 5.72 -0.31 5.44
CA VAL A 182 5.23 -1.64 5.15
C VAL A 182 5.20 -2.39 6.46
N ALA A 183 4.08 -3.05 6.75
CA ALA A 183 3.91 -3.74 8.04
C ALA A 183 3.76 -5.23 7.80
N PRO A 184 4.88 -5.92 7.59
CA PRO A 184 4.78 -7.36 7.35
C PRO A 184 4.40 -8.16 8.59
N GLY A 185 3.84 -9.34 8.37
CA GLY A 185 3.51 -10.27 9.44
C GLY A 185 3.25 -11.64 8.86
N GLY A 186 3.27 -12.66 9.71
CA GLY A 186 2.98 -14.03 9.28
C GLY A 186 4.12 -14.71 8.55
N MET A 187 5.31 -14.10 8.64
CA MET A 187 6.51 -14.59 7.97
C MET A 187 7.08 -15.79 8.73
N ASN A 188 8.29 -16.21 8.36
CA ASN A 188 8.97 -17.33 9.01
C ASN A 188 9.64 -16.96 10.35
N THR A 189 10.31 -15.81 10.39
CA THR A 189 10.82 -15.23 11.64
C THR A 189 10.99 -13.72 11.50
N ARG A 192 14.84 -13.39 17.34
CA ARG A 192 16.02 -13.00 18.10
C ARG A 192 15.71 -11.74 18.93
N GLY A 193 15.91 -11.85 20.25
CA GLY A 193 15.64 -10.76 21.19
C GLY A 193 16.86 -10.35 22.01
N PRO A 194 16.69 -9.39 22.93
CA PRO A 194 17.80 -8.87 23.74
C PRO A 194 18.31 -9.88 24.79
N SER A 195 19.58 -9.73 25.14
CA SER A 195 20.26 -10.65 26.06
C SER A 195 19.73 -10.60 27.50
N SER A 196 19.08 -9.48 27.87
CA SER A 196 18.44 -9.35 29.18
C SER A 196 17.16 -10.19 29.27
N LEU A 197 16.53 -10.47 28.13
CA LEU A 197 15.32 -11.30 28.11
C LEU A 197 15.63 -12.75 27.73
N GLY A 198 14.72 -13.65 28.09
CA GLY A 198 14.87 -15.08 27.81
C GLY A 198 13.70 -15.90 28.32
N VAL A 207 3.74 -20.26 17.90
CA VAL A 207 2.38 -20.62 17.53
C VAL A 207 2.40 -21.78 16.51
N PRO A 208 1.62 -22.86 16.75
CA PRO A 208 1.49 -23.97 15.79
C PRO A 208 0.95 -23.57 14.41
N LEU A 209 1.51 -24.14 13.35
CA LEU A 209 1.10 -23.83 11.96
C LEU A 209 -0.40 -24.03 11.74
N ALA A 210 -0.96 -25.11 12.28
CA ALA A 210 -2.40 -25.36 12.19
C ALA A 210 -3.21 -24.18 12.72
N ASP A 211 -2.86 -23.72 13.92
CA ASP A 211 -3.51 -22.56 14.56
C ASP A 211 -3.26 -21.28 13.79
N MET A 212 -2.07 -21.18 13.21
CA MET A 212 -1.69 -20.02 12.41
C MET A 212 -2.58 -19.88 11.18
N LEU A 213 -2.79 -21.00 10.46
CA LEU A 213 -3.60 -20.99 9.25
C LEU A 213 -5.11 -20.86 9.55
N LYS A 214 -5.56 -21.45 10.65
CA LYS A 214 -6.98 -21.47 11.00
C LYS A 214 -7.47 -20.18 11.66
N SER A 215 -6.67 -19.63 12.57
CA SER A 215 -7.13 -18.54 13.46
C SER A 215 -6.48 -17.19 13.21
N VAL A 216 -5.26 -17.19 12.67
CA VAL A 216 -4.49 -15.95 12.54
C VAL A 216 -4.52 -15.37 11.11
N LEU A 217 -4.32 -16.24 10.11
CA LEU A 217 -4.04 -15.80 8.73
C LEU A 217 -5.16 -16.16 7.77
N PRO A 218 -6.03 -15.19 7.43
CA PRO A 218 -7.05 -15.45 6.41
C PRO A 218 -6.53 -16.09 5.12
N ILE A 219 -5.37 -15.67 4.63
CA ILE A 219 -4.82 -16.20 3.39
C ILE A 219 -4.53 -17.71 3.46
N GLY A 220 -4.50 -18.27 4.68
CA GLY A 220 -4.43 -19.71 4.87
C GLY A 220 -3.09 -20.33 4.53
N ARG A 221 -2.03 -19.52 4.61
CA ARG A 221 -0.68 -20.05 4.46
C ARG A 221 0.33 -19.01 4.86
N MET A 222 1.50 -19.48 5.28
CA MET A 222 2.59 -18.62 5.71
C MET A 222 3.51 -18.43 4.51
N PRO A 223 3.51 -17.22 3.92
CA PRO A 223 4.36 -16.95 2.75
C PRO A 223 5.86 -17.02 3.04
N ALA A 224 6.63 -17.38 2.02
CA ALA A 224 8.08 -17.35 2.10
C ALA A 224 8.52 -15.91 2.18
N LEU A 225 9.73 -15.66 2.70
CA LEU A 225 10.23 -14.29 2.89
C LEU A 225 10.24 -13.49 1.59
N GLU A 226 10.50 -14.15 0.48
CA GLU A 226 10.65 -13.49 -0.81
C GLU A 226 9.31 -12.86 -1.23
N GLU A 227 8.21 -13.44 -0.77
CA GLU A 227 6.86 -12.96 -1.11
C GLU A 227 6.50 -11.67 -0.37
N TYR A 228 7.32 -11.30 0.61
CA TYR A 228 7.20 -10.03 1.33
C TYR A 228 8.04 -8.90 0.74
N THR A 229 8.79 -9.16 -0.34
CA THR A 229 9.71 -8.16 -0.86
C THR A 229 9.00 -7.21 -1.84
N GLY A 230 7.95 -7.70 -2.50
CA GLY A 230 7.23 -6.93 -3.52
C GLY A 230 6.69 -5.58 -3.09
N ALA A 231 6.22 -5.47 -1.85
CA ALA A 231 5.67 -4.19 -1.38
C ALA A 231 6.78 -3.11 -1.36
N TYR A 232 7.99 -3.54 -0.99
CA TYR A 232 9.13 -2.62 -0.90
C TYR A 232 9.58 -2.21 -2.32
N VAL A 233 9.59 -3.15 -3.26
CA VAL A 233 9.86 -2.82 -4.66
C VAL A 233 8.86 -1.77 -5.16
N PHE A 234 7.58 -1.96 -4.84
CA PHE A 234 6.53 -0.99 -5.21
C PHE A 234 6.90 0.41 -4.75
N PHE A 235 7.11 0.58 -3.44
CA PHE A 235 7.43 1.89 -2.89
C PHE A 235 8.77 2.46 -3.40
N ALA A 236 9.69 1.60 -3.82
CA ALA A 236 10.97 2.04 -4.32
C ALA A 236 10.94 2.30 -5.82
N THR A 237 9.85 1.92 -6.49
CA THR A 237 9.81 2.03 -7.93
C THR A 237 9.64 3.49 -8.35
N ARG A 238 10.59 3.98 -9.14
CA ARG A 238 10.54 5.27 -9.83
C ARG A 238 9.26 5.38 -10.64
N GLY A 239 8.32 6.20 -10.18
CA GLY A 239 7.13 6.53 -10.96
C GLY A 239 5.85 5.83 -10.57
N ASP A 240 5.90 4.98 -9.54
CA ASP A 240 4.72 4.23 -9.09
C ASP A 240 4.17 4.64 -7.74
N SER A 241 4.95 5.37 -6.94
CA SER A 241 4.48 5.73 -5.59
C SER A 241 4.52 7.23 -5.30
N LEU A 242 4.60 8.03 -6.35
CA LEU A 242 4.72 9.48 -6.19
C LEU A 242 3.63 10.13 -5.32
N PRO A 243 2.37 9.66 -5.42
CA PRO A 243 1.34 10.26 -4.55
C PRO A 243 1.34 9.81 -3.09
N ALA A 244 2.18 8.84 -2.75
CA ALA A 244 2.17 8.21 -1.44
C ALA A 244 3.17 8.80 -0.48
N THR A 245 2.64 9.44 0.56
CA THR A 245 3.40 9.74 1.74
C THR A 245 2.49 9.63 2.97
N GLY A 246 3.09 9.14 4.06
CA GLY A 246 2.36 8.78 5.26
C GLY A 246 1.53 7.50 5.11
N ALA A 247 1.75 6.73 4.03
CA ALA A 247 0.99 5.52 3.74
C ALA A 247 1.44 4.38 4.65
N LEU A 248 0.49 3.50 4.99
CA LEU A 248 0.71 2.36 5.85
C LEU A 248 0.10 1.12 5.17
N LEU A 249 0.96 0.18 4.78
CA LEU A 249 0.53 -1.00 4.04
C LEU A 249 0.61 -2.23 4.92
N ASN A 250 -0.54 -2.64 5.47
CA ASN A 250 -0.61 -3.89 6.23
C ASN A 250 -0.47 -5.05 5.26
N TYR A 251 0.49 -5.91 5.58
CA TYR A 251 1.06 -6.88 4.65
C TYR A 251 1.33 -8.14 5.44
N ASP A 252 0.27 -8.68 6.01
CA ASP A 252 0.38 -9.64 7.09
C ASP A 252 -0.56 -10.86 6.94
N GLY A 253 -1.10 -11.07 5.74
CA GLY A 253 -1.98 -12.19 5.49
C GLY A 253 -3.42 -11.98 5.91
N GLY A 254 -3.76 -10.76 6.31
CA GLY A 254 -5.13 -10.43 6.72
C GLY A 254 -5.37 -10.47 8.23
N MET A 255 -4.32 -10.26 9.03
CA MET A 255 -4.47 -10.37 10.49
C MET A 255 -5.54 -9.42 11.04
N GLY A 256 -5.56 -8.22 10.51
CA GLY A 256 -6.52 -7.20 10.93
C GLY A 256 -7.95 -7.42 10.48
N VAL A 257 -8.14 -8.30 9.49
CA VAL A 257 -9.47 -8.58 8.92
C VAL A 257 -9.88 -10.05 9.19
N ARG A 258 -9.27 -10.68 10.19
CA ARG A 258 -9.60 -12.06 10.51
C ARG A 258 -10.96 -12.16 11.22
N GLY A 259 -11.65 -13.28 11.03
CA GLY A 259 -12.94 -13.49 11.66
C GLY A 259 -12.84 -13.89 13.12
N PHE A 260 -13.99 -14.03 13.76
CA PHE A 260 -14.07 -14.32 15.17
C PHE A 260 -13.76 -15.80 15.48
N LEU A 261 -14.42 -16.72 14.78
CA LEU A 261 -14.26 -18.15 15.03
C LEU A 261 -13.23 -18.78 14.11
N THR A 262 -13.13 -18.27 12.88
CA THR A 262 -12.06 -18.67 11.96
C THR A 262 -11.48 -17.44 11.29
N ALA A 263 -10.23 -17.54 10.83
CA ALA A 263 -9.55 -16.43 10.18
C ALA A 263 -10.26 -16.02 8.90
N ALA A 264 -10.62 -17.01 8.08
CA ALA A 264 -11.25 -16.78 6.78
C ALA A 264 -12.72 -17.17 6.83
N GLY A 265 -13.54 -16.48 6.03
CA GLY A 265 -14.96 -16.78 5.90
C GLY A 265 -15.33 -17.52 4.62
N GLY A 266 -14.35 -17.79 3.76
CA GLY A 266 -14.66 -18.21 2.37
C GLY A 266 -14.11 -19.56 1.96
N ALA A 267 -13.84 -20.41 2.94
CA ALA A 267 -13.27 -21.75 2.68
C ALA A 267 -14.13 -22.59 1.72
N ASP A 268 -15.45 -22.44 1.82
CA ASP A 268 -16.42 -23.21 1.03
C ASP A 268 -16.78 -22.62 -0.33
N LEU A 269 -16.32 -21.40 -0.63
CA LEU A 269 -16.67 -20.74 -1.89
C LEU A 269 -16.56 -21.60 -3.16
N PRO A 270 -15.44 -22.33 -3.34
CA PRO A 270 -15.28 -23.10 -4.58
C PRO A 270 -16.40 -24.11 -4.84
N GLU A 271 -16.89 -24.76 -3.79
CA GLU A 271 -18.01 -25.68 -3.92
C GLU A 271 -19.31 -24.91 -3.96
N LYS A 272 -19.38 -23.89 -3.12
CA LYS A 272 -20.55 -23.03 -3.04
C LYS A 272 -20.93 -22.45 -4.40
N LEU A 273 -19.92 -22.09 -5.19
CA LEU A 273 -20.11 -21.45 -6.49
C LEU A 273 -20.08 -22.42 -7.66
N ASN A 274 -19.87 -23.72 -7.36
CA ASN A 274 -19.75 -24.77 -8.39
C ASN A 274 -18.63 -24.45 -9.38
N ILE A 275 -17.51 -24.00 -8.82
CA ILE A 275 -16.40 -23.50 -9.61
C ILE A 275 -15.11 -24.26 -9.25
N MET B 1 7.32 -5.66 -18.54
CA MET B 1 5.85 -5.84 -18.43
C MET B 1 5.46 -6.74 -17.25
N LYS B 2 4.93 -6.13 -16.20
CA LYS B 2 4.71 -6.80 -14.91
C LYS B 2 3.42 -7.66 -14.82
N LEU B 3 2.49 -7.48 -15.77
CA LEU B 3 1.20 -8.18 -15.70
C LEU B 3 0.90 -9.06 -16.93
N THR B 4 1.96 -9.57 -17.56
CA THR B 4 1.81 -10.42 -18.75
C THR B 4 0.90 -11.62 -18.47
N GLY B 5 -0.14 -11.78 -19.30
CA GLY B 5 -1.03 -12.93 -19.20
C GLY B 5 -2.21 -12.75 -18.26
N GLU B 6 -2.17 -11.75 -17.39
CA GLU B 6 -3.25 -11.49 -16.45
C GLU B 6 -4.43 -10.77 -17.12
N VAL B 7 -5.61 -10.93 -16.55
CA VAL B 7 -6.81 -10.30 -17.08
C VAL B 7 -7.47 -9.49 -15.97
N ALA B 8 -7.76 -8.22 -16.26
CA ALA B 8 -8.44 -7.34 -15.30
C ALA B 8 -9.81 -6.92 -15.82
N LEU B 9 -10.75 -6.70 -14.91
CA LEU B 9 -12.03 -6.05 -15.24
C LEU B 9 -12.09 -4.78 -14.40
N ILE B 10 -12.33 -3.66 -15.05
CA ILE B 10 -12.31 -2.36 -14.40
C ILE B 10 -13.65 -1.69 -14.66
N THR B 11 -14.37 -1.33 -13.60
CA THR B 11 -15.63 -0.60 -13.77
C THR B 11 -15.34 0.89 -13.74
N GLY B 12 -16.06 1.66 -14.58
CA GLY B 12 -15.79 3.08 -14.75
C GLY B 12 -14.46 3.32 -15.43
N GLY B 13 -14.05 2.41 -16.30
CA GLY B 13 -12.69 2.41 -16.87
C GLY B 13 -12.52 3.21 -18.15
N ALA B 14 -13.54 3.99 -18.54
CA ALA B 14 -13.50 4.66 -19.83
C ALA B 14 -13.10 6.12 -19.70
N SER B 15 -12.96 6.60 -18.46
CA SER B 15 -12.59 7.98 -18.22
C SER B 15 -11.88 8.12 -16.88
N GLY B 16 -11.23 9.26 -16.68
CA GLY B 16 -10.57 9.57 -15.43
C GLY B 16 -9.51 8.54 -15.03
N LEU B 17 -9.44 8.28 -13.74
CA LEU B 17 -8.48 7.30 -13.22
C LEU B 17 -8.71 5.93 -13.83
N GLY B 18 -9.98 5.56 -14.02
CA GLY B 18 -10.30 4.28 -14.64
C GLY B 18 -9.64 4.07 -15.99
N ARG B 19 -9.64 5.10 -16.84
CA ARG B 19 -8.99 5.00 -18.15
C ARG B 19 -7.46 4.96 -18.01
N ALA B 20 -6.92 5.70 -17.06
CA ALA B 20 -5.48 5.65 -16.79
C ALA B 20 -5.09 4.22 -16.36
N LEU B 21 -5.92 3.59 -15.56
CA LEU B 21 -5.72 2.18 -15.15
C LEU B 21 -5.76 1.23 -16.34
N VAL B 22 -6.75 1.39 -17.21
CA VAL B 22 -6.82 0.57 -18.43
C VAL B 22 -5.50 0.67 -19.22
N ASP B 23 -5.01 1.89 -19.44
CA ASP B 23 -3.83 2.09 -20.28
C ASP B 23 -2.60 1.46 -19.64
N ARG B 24 -2.50 1.63 -18.32
CA ARG B 24 -1.35 1.12 -17.56
C ARG B 24 -1.36 -0.40 -17.58
N PHE B 25 -2.52 -0.98 -17.34
CA PHE B 25 -2.63 -2.44 -17.28
C PHE B 25 -2.32 -3.07 -18.63
N VAL B 26 -2.84 -2.49 -19.72
CA VAL B 26 -2.49 -2.96 -21.07
C VAL B 26 -0.99 -2.80 -21.31
N ALA B 27 -0.44 -1.63 -20.95
CA ALA B 27 1.00 -1.36 -21.05
C ALA B 27 1.86 -2.39 -20.28
N GLU B 28 1.33 -2.90 -19.18
CA GLU B 28 1.98 -3.93 -18.36
C GLU B 28 1.70 -5.35 -18.85
N GLY B 29 0.92 -5.50 -19.93
CA GLY B 29 0.74 -6.80 -20.57
C GLY B 29 -0.53 -7.53 -20.17
N ALA B 30 -1.39 -6.87 -19.42
CA ALA B 30 -2.70 -7.40 -19.05
C ALA B 30 -3.69 -7.19 -20.18
N ARG B 31 -4.73 -8.01 -20.21
CA ARG B 31 -5.89 -7.74 -21.05
C ARG B 31 -6.99 -7.23 -20.12
N VAL B 32 -7.81 -6.33 -20.62
CA VAL B 32 -8.71 -5.60 -19.76
C VAL B 32 -10.11 -5.55 -20.34
N ALA B 33 -11.09 -5.92 -19.53
CA ALA B 33 -12.48 -5.69 -19.86
C ALA B 33 -12.95 -4.47 -19.06
N VAL B 34 -13.75 -3.61 -19.70
CA VAL B 34 -14.22 -2.40 -19.06
C VAL B 34 -15.73 -2.35 -19.06
N LEU B 35 -16.31 -2.05 -17.90
CA LEU B 35 -17.71 -1.67 -17.81
C LEU B 35 -17.80 -0.16 -17.61
N ASP B 36 -18.57 0.52 -18.47
CA ASP B 36 -18.71 1.97 -18.37
C ASP B 36 -19.99 2.42 -19.05
N LYS B 37 -20.47 3.62 -18.70
CA LYS B 37 -21.67 4.17 -19.35
C LYS B 37 -21.42 4.86 -20.68
N SER B 38 -20.20 5.32 -20.93
CA SER B 38 -19.91 6.04 -22.16
C SER B 38 -19.55 5.09 -23.31
N ALA B 39 -20.42 4.98 -24.30
CA ALA B 39 -20.16 4.17 -25.48
C ALA B 39 -18.99 4.75 -26.28
N GLU B 40 -18.97 6.07 -26.43
CA GLU B 40 -17.94 6.73 -27.23
C GLU B 40 -16.56 6.46 -26.63
N ARG B 41 -16.44 6.67 -25.32
CA ARG B 41 -15.16 6.50 -24.64
C ARG B 41 -14.73 5.03 -24.57
N LEU B 42 -15.68 4.10 -24.49
CA LEU B 42 -15.37 2.67 -24.60
C LEU B 42 -14.82 2.33 -25.99
N ARG B 43 -15.39 2.94 -27.03
CA ARG B 43 -14.85 2.79 -28.38
C ARG B 43 -13.43 3.32 -28.50
N GLU B 44 -13.16 4.46 -27.86
CA GLU B 44 -11.85 5.10 -27.90
C GLU B 44 -10.76 4.19 -27.35
N LEU B 45 -11.02 3.59 -26.18
CA LEU B 45 -10.03 2.70 -25.57
C LEU B 45 -9.90 1.38 -26.35
N GLU B 46 -11.01 0.92 -26.94
CA GLU B 46 -10.96 -0.30 -27.77
C GLU B 46 -10.06 -0.10 -28.99
N VAL B 47 -10.19 1.06 -29.64
CA VAL B 47 -9.34 1.35 -30.80
C VAL B 47 -7.90 1.53 -30.33
N ALA B 48 -7.71 2.22 -29.21
CA ALA B 48 -6.38 2.49 -28.66
C ALA B 48 -5.59 1.20 -28.39
N HIS B 49 -6.25 0.20 -27.83
CA HIS B 49 -5.53 -0.99 -27.38
C HIS B 49 -5.78 -2.22 -28.23
N GLY B 50 -6.47 -2.04 -29.36
CA GLY B 50 -6.94 -3.15 -30.16
C GLY B 50 -7.62 -4.20 -29.30
N GLY B 51 -7.31 -5.46 -29.60
CA GLY B 51 -7.93 -6.58 -28.93
C GLY B 51 -7.56 -6.79 -27.47
N ASN B 52 -6.65 -5.98 -26.94
CA ASN B 52 -6.21 -6.11 -25.53
C ASN B 52 -7.14 -5.41 -24.54
N ALA B 53 -8.11 -4.65 -25.05
CA ALA B 53 -9.17 -4.10 -24.21
C ALA B 53 -10.53 -4.28 -24.90
N VAL B 54 -11.52 -4.79 -24.17
CA VAL B 54 -12.89 -4.89 -24.66
C VAL B 54 -13.80 -4.07 -23.74
N GLY B 55 -14.70 -3.30 -24.33
CA GLY B 55 -15.60 -2.45 -23.56
C GLY B 55 -16.99 -3.03 -23.53
N VAL B 56 -17.69 -2.81 -22.42
CA VAL B 56 -19.12 -3.07 -22.37
C VAL B 56 -19.88 -1.89 -21.77
N VAL B 57 -20.80 -1.36 -22.56
CA VAL B 57 -21.62 -0.23 -22.12
C VAL B 57 -22.64 -0.78 -21.14
N GLY B 58 -22.81 -0.08 -20.02
CA GLY B 58 -23.74 -0.51 -19.00
C GLY B 58 -23.73 0.38 -17.78
N ASP B 59 -24.65 0.07 -16.87
CA ASP B 59 -24.87 0.83 -15.66
C ASP B 59 -24.29 0.07 -14.48
N VAL B 60 -23.28 0.64 -13.83
CA VAL B 60 -22.62 -0.03 -12.68
C VAL B 60 -23.58 -0.34 -11.54
N ARG B 61 -24.68 0.42 -11.45
CA ARG B 61 -25.72 0.13 -10.45
C ARG B 61 -26.47 -1.19 -10.69
N SER B 62 -26.41 -1.73 -11.91
CA SER B 62 -27.18 -2.92 -12.32
C SER B 62 -26.35 -4.20 -12.21
N LEU B 63 -26.83 -5.16 -11.42
CA LEU B 63 -26.15 -6.46 -11.30
C LEU B 63 -26.12 -7.18 -12.65
N GLN B 64 -27.20 -7.02 -13.40
CA GLN B 64 -27.31 -7.61 -14.73
C GLN B 64 -26.15 -7.12 -15.61
N ASP B 65 -25.93 -5.81 -15.62
CA ASP B 65 -24.85 -5.21 -16.43
C ASP B 65 -23.47 -5.65 -15.92
N GLN B 66 -23.32 -5.76 -14.61
CA GLN B 66 -22.08 -6.27 -14.01
C GLN B 66 -21.84 -7.72 -14.44
N LYS B 67 -22.90 -8.54 -14.43
CA LYS B 67 -22.78 -9.90 -14.92
C LYS B 67 -22.45 -9.95 -16.42
N ARG B 68 -23.01 -9.02 -17.20
CA ARG B 68 -22.70 -8.97 -18.63
C ARG B 68 -21.24 -8.55 -18.87
N ALA B 69 -20.73 -7.63 -18.06
CA ALA B 69 -19.32 -7.25 -18.16
C ALA B 69 -18.40 -8.45 -17.83
N ALA B 70 -18.75 -9.21 -16.79
CA ALA B 70 -17.98 -10.40 -16.42
C ALA B 70 -18.06 -11.44 -17.52
N GLU B 71 -19.27 -11.71 -17.98
CA GLU B 71 -19.47 -12.69 -19.06
C GLU B 71 -18.65 -12.35 -20.29
N ARG B 72 -18.62 -11.06 -20.62
CA ARG B 72 -17.89 -10.58 -21.78
C ARG B 72 -16.39 -10.78 -21.59
N CYS B 73 -15.90 -10.43 -20.40
CA CYS B 73 -14.49 -10.64 -20.05
C CYS B 73 -14.06 -12.09 -20.22
N LEU B 74 -14.88 -13.01 -19.70
CA LEU B 74 -14.68 -14.44 -19.87
C LEU B 74 -14.68 -14.87 -21.33
N ALA B 75 -15.64 -14.37 -22.11
CA ALA B 75 -15.72 -14.72 -23.54
C ALA B 75 -14.49 -14.22 -24.30
N ALA B 76 -14.03 -13.02 -23.95
CA ALA B 76 -12.90 -12.41 -24.62
C ALA B 76 -11.57 -13.04 -24.23
N PHE B 77 -11.35 -13.19 -22.92
CA PHE B 77 -10.02 -13.55 -22.39
C PHE B 77 -9.94 -14.82 -21.53
N GLY B 78 -11.08 -15.47 -21.27
CA GLY B 78 -11.08 -16.79 -20.63
C GLY B 78 -10.96 -16.88 -19.12
N LYS B 79 -10.78 -15.75 -18.44
CA LYS B 79 -10.63 -15.68 -16.99
C LYS B 79 -10.68 -14.23 -16.53
N ILE B 80 -10.84 -14.04 -15.22
CA ILE B 80 -10.67 -12.74 -14.57
C ILE B 80 -9.72 -12.91 -13.36
N ASP B 81 -8.58 -12.23 -13.40
CA ASP B 81 -7.60 -12.30 -12.33
C ASP B 81 -7.79 -11.19 -11.32
N THR B 82 -7.99 -9.96 -11.78
CA THR B 82 -8.14 -8.79 -10.92
C THR B 82 -9.39 -8.00 -11.31
N LEU B 83 -10.24 -7.74 -10.32
CA LEU B 83 -11.42 -6.89 -10.47
C LEU B 83 -11.12 -5.57 -9.78
N ILE B 84 -11.32 -4.47 -10.50
CA ILE B 84 -11.14 -3.15 -9.94
C ILE B 84 -12.49 -2.41 -9.99
N PRO B 85 -13.30 -2.56 -8.93
CA PRO B 85 -14.50 -1.72 -8.83
C PRO B 85 -14.04 -0.31 -8.54
N ASN B 86 -14.27 0.56 -9.50
CA ASN B 86 -13.70 1.90 -9.48
C ASN B 86 -14.70 3.05 -9.77
N ALA B 87 -15.83 2.75 -10.41
CA ALA B 87 -16.78 3.79 -10.78
C ALA B 87 -17.38 4.44 -9.53
N GLY B 88 -17.33 5.77 -9.50
CA GLY B 88 -17.90 6.55 -8.40
C GLY B 88 -18.40 7.90 -8.89
N ILE B 89 -19.42 8.44 -8.22
CA ILE B 89 -19.88 9.80 -8.47
C ILE B 89 -19.73 10.61 -7.18
N TRP B 90 -19.50 11.91 -7.34
CA TRP B 90 -19.28 12.80 -6.20
C TRP B 90 -20.61 13.44 -5.76
N ASP B 91 -20.58 14.31 -4.76
CA ASP B 91 -21.80 15.00 -4.31
C ASP B 91 -21.63 16.53 -4.30
N TYR B 92 -20.69 17.02 -5.12
CA TYR B 92 -20.36 18.45 -5.18
C TYR B 92 -19.91 19.02 -3.83
N SER B 93 -19.48 18.15 -2.91
CA SER B 93 -19.20 18.53 -1.53
C SER B 93 -20.39 19.27 -0.87
N THR B 94 -21.60 18.89 -1.24
CA THR B 94 -22.80 19.57 -0.74
C THR B 94 -23.02 19.26 0.73
N ALA B 95 -22.98 20.28 1.59
CA ALA B 95 -23.16 20.08 3.03
C ALA B 95 -24.57 19.61 3.35
N LEU B 96 -24.73 18.96 4.50
CA LEU B 96 -26.04 18.47 4.91
C LEU B 96 -27.09 19.57 4.90
N ALA B 97 -26.75 20.73 5.45
CA ALA B 97 -27.68 21.84 5.52
C ALA B 97 -28.04 22.31 4.12
N ASP B 98 -27.16 22.06 3.16
CA ASP B 98 -27.41 22.45 1.78
C ASP B 98 -28.09 21.39 0.93
N LEU B 99 -28.28 20.17 1.45
CA LEU B 99 -29.10 19.18 0.73
C LEU B 99 -30.58 19.52 0.85
N PRO B 100 -31.23 19.89 -0.28
CA PRO B 100 -32.63 20.28 -0.17
C PRO B 100 -33.54 19.12 0.22
N GLU B 101 -34.56 19.42 1.01
CA GLU B 101 -35.43 18.38 1.55
C GLU B 101 -36.11 17.57 0.46
N ASP B 102 -36.41 18.20 -0.68
CA ASP B 102 -37.11 17.50 -1.76
C ASP B 102 -36.18 16.73 -2.71
N LYS B 103 -34.87 16.85 -2.53
CA LYS B 103 -33.88 16.13 -3.36
C LYS B 103 -33.05 15.10 -2.63
N ILE B 104 -33.04 15.15 -1.31
CA ILE B 104 -32.09 14.40 -0.49
C ILE B 104 -32.26 12.88 -0.59
N ASP B 105 -33.50 12.41 -0.61
CA ASP B 105 -33.76 10.98 -0.73
C ASP B 105 -33.28 10.42 -2.09
N ALA B 106 -33.54 11.14 -3.18
CA ALA B 106 -33.06 10.71 -4.51
C ALA B 106 -31.54 10.74 -4.63
N ALA B 107 -30.93 11.81 -4.12
CA ALA B 107 -29.48 11.97 -4.12
C ALA B 107 -28.82 10.84 -3.36
N PHE B 108 -29.35 10.55 -2.17
CA PHE B 108 -28.87 9.40 -1.40
C PHE B 108 -28.81 8.13 -2.26
N ASP B 109 -29.94 7.75 -2.87
CA ASP B 109 -29.98 6.54 -3.67
C ASP B 109 -29.00 6.60 -4.84
N ASP B 110 -28.95 7.72 -5.55
CA ASP B 110 -28.07 7.82 -6.72
C ASP B 110 -26.62 7.56 -6.33
N ILE B 111 -26.15 8.25 -5.31
CA ILE B 111 -24.74 8.14 -4.90
C ILE B 111 -24.40 6.80 -4.21
N PHE B 112 -25.32 6.29 -3.38
CA PHE B 112 -25.11 5.00 -2.75
C PHE B 112 -25.22 3.83 -3.74
N HIS B 113 -26.16 3.92 -4.69
CA HIS B 113 -26.27 2.86 -5.69
C HIS B 113 -25.01 2.76 -6.54
N VAL B 114 -24.44 3.89 -6.94
CA VAL B 114 -23.21 3.87 -7.74
C VAL B 114 -22.03 3.46 -6.90
N ASN B 115 -21.77 4.19 -5.82
CA ASN B 115 -20.50 4.06 -5.10
C ASN B 115 -20.37 2.85 -4.20
N VAL B 116 -21.49 2.39 -3.65
CA VAL B 116 -21.49 1.26 -2.73
C VAL B 116 -22.10 0.03 -3.41
N LYS B 117 -23.35 0.13 -3.86
CA LYS B 117 -24.02 -1.05 -4.41
C LYS B 117 -23.33 -1.56 -5.68
N GLY B 118 -22.82 -0.66 -6.51
CA GLY B 118 -22.16 -1.03 -7.74
C GLY B 118 -20.86 -1.78 -7.49
N TYR B 119 -20.25 -1.51 -6.34
CA TYR B 119 -19.04 -2.23 -5.90
C TYR B 119 -19.46 -3.63 -5.48
N ILE B 120 -20.55 -3.72 -4.70
CA ILE B 120 -21.10 -5.01 -4.26
C ILE B 120 -21.45 -5.87 -5.49
N HIS B 121 -22.17 -5.30 -6.45
CA HIS B 121 -22.58 -6.05 -7.63
C HIS B 121 -21.43 -6.49 -8.52
N ALA B 122 -20.38 -5.66 -8.63
CA ALA B 122 -19.20 -6.04 -9.41
C ALA B 122 -18.54 -7.30 -8.84
N VAL B 123 -18.35 -7.34 -7.52
CA VAL B 123 -17.77 -8.51 -6.86
C VAL B 123 -18.70 -9.72 -6.98
N LYS B 124 -19.99 -9.51 -6.74
CA LYS B 124 -21.00 -10.54 -6.91
C LYS B 124 -20.91 -11.14 -8.31
N ALA B 125 -20.91 -10.27 -9.32
CA ALA B 125 -20.81 -10.69 -10.73
C ALA B 125 -19.53 -11.49 -11.04
N CYS B 126 -18.40 -11.05 -10.51
CA CYS B 126 -17.11 -11.67 -10.80
C CYS B 126 -16.65 -12.77 -9.84
N LEU B 127 -17.44 -13.05 -8.81
CA LEU B 127 -16.98 -13.94 -7.76
C LEU B 127 -16.60 -15.35 -8.26
N PRO B 128 -17.45 -15.97 -9.10
CA PRO B 128 -17.05 -17.28 -9.61
C PRO B 128 -15.72 -17.26 -10.35
N ALA B 129 -15.52 -16.28 -11.21
CA ALA B 129 -14.28 -16.15 -11.97
C ALA B 129 -13.09 -15.87 -11.03
N LEU B 130 -13.30 -14.99 -10.04
CA LEU B 130 -12.24 -14.62 -9.11
C LEU B 130 -11.88 -15.77 -8.18
N VAL B 131 -12.86 -16.57 -7.75
CA VAL B 131 -12.54 -17.74 -6.94
C VAL B 131 -11.79 -18.77 -7.78
N SER B 132 -12.22 -18.96 -9.03
CA SER B 132 -11.54 -19.86 -9.94
C SER B 132 -10.07 -19.50 -10.15
N SER B 133 -9.76 -18.21 -10.28
CA SER B 133 -8.40 -17.75 -10.57
C SER B 133 -7.59 -17.48 -9.30
N ARG B 134 -8.25 -17.60 -8.14
CA ARG B 134 -7.66 -17.24 -6.86
C ARG B 134 -7.14 -15.80 -6.96
N GLY B 135 -8.05 -14.94 -7.39
CA GLY B 135 -7.72 -13.60 -7.86
C GLY B 135 -7.82 -12.55 -6.79
N SER B 136 -8.00 -11.31 -7.24
CA SER B 136 -7.88 -10.11 -6.41
C SER B 136 -9.03 -9.15 -6.70
N VAL B 137 -9.43 -8.41 -5.66
CA VAL B 137 -10.31 -7.26 -5.80
C VAL B 137 -9.54 -6.05 -5.26
N VAL B 138 -9.44 -5.00 -6.08
CA VAL B 138 -8.85 -3.74 -5.67
C VAL B 138 -9.93 -2.67 -5.79
N PHE B 139 -10.45 -2.25 -4.64
CA PHE B 139 -11.48 -1.22 -4.61
C PHE B 139 -10.82 0.16 -4.69
N THR B 140 -11.37 1.04 -5.52
CA THR B 140 -11.02 2.46 -5.43
C THR B 140 -11.85 3.13 -4.34
N ILE B 141 -11.16 3.67 -3.35
CA ILE B 141 -11.82 4.38 -2.27
C ILE B 141 -11.65 5.89 -2.59
N SER B 142 -11.02 6.63 -1.69
CA SER B 142 -10.88 8.09 -1.76
C SER B 142 -10.31 8.52 -0.42
N ASN B 143 -9.66 9.68 -0.38
CA ASN B 143 -9.40 10.34 0.91
C ASN B 143 -10.68 10.52 1.71
N ALA B 144 -11.82 10.62 1.00
CA ALA B 144 -13.13 10.79 1.64
C ALA B 144 -13.60 9.54 2.40
N GLY B 145 -12.83 8.45 2.31
CA GLY B 145 -13.14 7.22 3.03
C GLY B 145 -12.47 7.18 4.38
N PHE B 146 -11.71 8.24 4.68
CA PHE B 146 -10.85 8.29 5.87
C PHE B 146 -10.94 9.61 6.61
N TYR B 147 -11.10 10.71 5.87
CA TYR B 147 -11.09 12.08 6.43
C TYR B 147 -12.24 12.90 5.86
N PRO B 148 -12.69 13.91 6.64
CA PRO B 148 -13.73 14.81 6.16
C PRO B 148 -13.22 15.82 5.12
N ASN B 149 -14.15 16.59 4.57
CA ASN B 149 -13.91 17.70 3.67
C ASN B 149 -13.41 17.28 2.28
N GLY B 150 -13.53 15.99 1.95
CA GLY B 150 -13.30 15.49 0.59
C GLY B 150 -14.58 15.24 -0.19
N GLY B 151 -15.70 15.53 0.45
CA GLY B 151 -17.05 15.42 -0.13
C GLY B 151 -18.02 15.84 0.95
N GLY B 152 -19.31 15.88 0.64
CA GLY B 152 -20.36 16.08 1.66
C GLY B 152 -20.61 14.82 2.45
N PRO B 153 -21.66 14.82 3.31
CA PRO B 153 -21.94 13.59 4.04
C PRO B 153 -22.28 12.39 3.14
N LEU B 154 -22.94 12.63 2.00
CA LEU B 154 -23.31 11.50 1.13
C LEU B 154 -22.06 10.82 0.56
N TYR B 155 -21.18 11.60 -0.07
CA TYR B 155 -19.99 11.00 -0.65
C TYR B 155 -19.08 10.41 0.42
N THR B 156 -18.87 11.17 1.49
CA THR B 156 -17.98 10.74 2.55
C THR B 156 -18.50 9.43 3.16
N ALA B 157 -19.81 9.34 3.40
CA ALA B 157 -20.38 8.10 3.90
C ALA B 157 -20.23 6.91 2.91
N THR B 158 -20.37 7.14 1.60
CA THR B 158 -20.18 6.03 0.64
C THR B 158 -18.75 5.47 0.63
N LYS B 159 -17.75 6.34 0.70
CA LYS B 159 -16.35 5.91 0.61
C LYS B 159 -15.88 5.28 1.93
N HIS B 160 -16.43 5.76 3.05
CA HIS B 160 -16.30 5.02 4.31
C HIS B 160 -16.93 3.62 4.23
N ALA B 161 -18.10 3.52 3.62
CA ALA B 161 -18.78 2.24 3.35
C ALA B 161 -17.86 1.32 2.56
N VAL B 162 -17.18 1.87 1.56
CA VAL B 162 -16.23 1.07 0.78
C VAL B 162 -15.08 0.51 1.64
N VAL B 163 -14.59 1.28 2.61
CA VAL B 163 -13.63 0.72 3.59
C VAL B 163 -14.22 -0.53 4.25
N GLY B 164 -15.49 -0.47 4.65
CA GLY B 164 -16.19 -1.66 5.19
C GLY B 164 -16.20 -2.85 4.24
N LEU B 165 -16.39 -2.57 2.94
CA LEU B 165 -16.39 -3.63 1.93
C LEU B 165 -15.00 -4.28 1.78
N VAL B 166 -13.93 -3.48 1.86
CA VAL B 166 -12.55 -4.03 1.88
C VAL B 166 -12.41 -5.01 3.04
N ARG B 167 -12.83 -4.60 4.23
CA ARG B 167 -12.62 -5.43 5.42
C ARG B 167 -13.46 -6.68 5.39
N GLN B 168 -14.76 -6.52 5.14
CA GLN B 168 -15.70 -7.63 5.18
C GLN B 168 -15.44 -8.62 4.05
N MET B 169 -15.21 -8.13 2.83
CA MET B 169 -14.92 -9.02 1.72
C MET B 169 -13.54 -9.66 1.82
N ALA B 170 -12.53 -8.98 2.36
CA ALA B 170 -11.24 -9.65 2.64
C ALA B 170 -11.50 -10.87 3.51
N PHE B 171 -12.33 -10.71 4.53
CA PHE B 171 -12.69 -11.82 5.40
C PHE B 171 -13.52 -12.89 4.62
N GLU B 172 -14.60 -12.46 3.97
CA GLU B 172 -15.51 -13.43 3.32
C GLU B 172 -14.92 -14.20 2.15
N LEU B 173 -13.99 -13.59 1.43
CA LEU B 173 -13.42 -14.20 0.23
C LEU B 173 -12.11 -14.96 0.48
N ALA B 174 -11.52 -14.77 1.65
CA ALA B 174 -10.34 -15.54 2.02
C ALA B 174 -10.73 -17.02 2.21
N PRO B 175 -9.78 -17.94 1.95
CA PRO B 175 -8.39 -17.69 1.57
C PRO B 175 -8.15 -17.60 0.06
N HIS B 176 -9.22 -17.55 -0.72
CA HIS B 176 -9.09 -17.70 -2.17
C HIS B 176 -8.81 -16.40 -2.90
N VAL B 177 -9.51 -15.35 -2.50
CA VAL B 177 -9.47 -14.07 -3.21
C VAL B 177 -9.02 -12.98 -2.25
N ARG B 178 -8.00 -12.23 -2.65
CA ARG B 178 -7.50 -11.12 -1.85
C ARG B 178 -8.26 -9.85 -2.20
N VAL B 179 -8.56 -9.06 -1.17
CA VAL B 179 -9.37 -7.86 -1.30
C VAL B 179 -8.65 -6.72 -0.57
N ASN B 180 -8.34 -5.64 -1.29
CA ASN B 180 -7.64 -4.48 -0.72
C ASN B 180 -8.21 -3.20 -1.29
N GLY B 181 -7.86 -2.08 -0.68
CA GLY B 181 -8.32 -0.77 -1.15
C GLY B 181 -7.18 0.18 -1.45
N VAL B 182 -7.26 0.86 -2.59
CA VAL B 182 -6.46 2.05 -2.83
C VAL B 182 -7.36 3.27 -2.67
N ALA B 183 -6.85 4.26 -1.95
CA ALA B 183 -7.60 5.49 -1.62
C ALA B 183 -6.88 6.70 -2.21
N PRO B 184 -7.16 7.00 -3.49
CA PRO B 184 -6.53 8.12 -4.13
C PRO B 184 -7.08 9.44 -3.63
N GLY B 185 -6.25 10.46 -3.70
CA GLY B 185 -6.63 11.82 -3.38
C GLY B 185 -5.76 12.77 -4.16
N GLY B 186 -6.25 13.99 -4.37
CA GLY B 186 -5.50 15.01 -5.08
C GLY B 186 -5.46 14.78 -6.58
N MET B 187 -6.36 13.93 -7.09
CA MET B 187 -6.34 13.52 -8.50
C MET B 187 -6.80 14.63 -9.45
N ASN B 188 -7.65 15.51 -8.96
CA ASN B 188 -8.25 16.56 -9.79
C ASN B 188 -9.06 16.04 -10.99
N THR B 189 -9.75 14.92 -10.80
CA THR B 189 -10.68 14.44 -11.79
C THR B 189 -11.93 15.33 -11.79
N ASP B 190 -12.68 15.32 -12.89
CA ASP B 190 -13.89 16.13 -12.99
C ASP B 190 -15.01 15.43 -12.21
N LEU B 191 -15.09 15.73 -10.92
CA LEU B 191 -15.97 14.98 -10.04
C LEU B 191 -17.46 15.19 -10.38
N ARG B 192 -17.99 14.29 -11.21
CA ARG B 192 -19.42 14.25 -11.61
C ARG B 192 -20.31 13.89 -10.41
N GLY B 193 -21.42 14.62 -10.25
CA GLY B 193 -22.41 14.35 -9.19
C GLY B 193 -23.76 13.92 -9.75
N PRO B 194 -24.73 13.64 -8.85
CA PRO B 194 -26.04 13.21 -9.31
C PRO B 194 -26.88 14.37 -9.85
N SER B 195 -27.74 14.07 -10.81
CA SER B 195 -28.66 15.06 -11.38
C SER B 195 -29.53 15.73 -10.32
N SER B 196 -29.81 15.01 -9.24
CA SER B 196 -30.61 15.53 -8.13
C SER B 196 -29.97 16.68 -7.35
N LEU B 197 -28.68 16.93 -7.54
CA LEU B 197 -27.98 18.00 -6.78
C LEU B 197 -27.64 19.23 -7.63
N GLY B 198 -28.52 19.55 -8.59
CA GLY B 198 -28.44 20.82 -9.33
C GLY B 198 -27.23 20.91 -10.26
N SER B 206 -16.79 24.77 -5.83
CA SER B 206 -15.91 24.86 -4.66
C SER B 206 -14.47 25.11 -5.12
N VAL B 207 -13.53 25.16 -4.16
CA VAL B 207 -12.17 25.62 -4.44
C VAL B 207 -11.32 24.60 -5.25
N PRO B 208 -10.80 25.03 -6.41
CA PRO B 208 -9.91 24.13 -7.16
C PRO B 208 -8.72 23.68 -6.32
N LEU B 209 -8.23 22.48 -6.57
CA LEU B 209 -7.07 21.94 -5.83
C LEU B 209 -5.86 22.86 -5.89
N ALA B 210 -5.55 23.35 -7.09
CA ALA B 210 -4.40 24.22 -7.28
C ALA B 210 -4.42 25.39 -6.30
N ASP B 211 -5.61 25.94 -6.09
CA ASP B 211 -5.81 27.16 -5.30
C ASP B 211 -5.63 26.95 -3.79
N MET B 212 -5.61 25.71 -3.34
CA MET B 212 -5.48 25.40 -1.92
C MET B 212 -4.37 24.37 -1.65
N LEU B 213 -3.47 24.19 -2.62
CA LEU B 213 -2.55 23.06 -2.59
C LEU B 213 -1.80 22.98 -1.27
N LYS B 214 -1.28 24.10 -0.79
CA LYS B 214 -0.39 24.09 0.38
C LYS B 214 -1.13 23.87 1.71
N SER B 215 -2.46 23.81 1.65
CA SER B 215 -3.29 23.42 2.80
C SER B 215 -3.74 21.97 2.71
N VAL B 216 -3.42 21.30 1.60
CA VAL B 216 -4.02 20.01 1.31
C VAL B 216 -2.96 18.92 1.13
N LEU B 217 -1.95 19.17 0.30
CA LEU B 217 -1.03 18.08 -0.11
C LEU B 217 0.41 18.31 0.36
N PRO B 218 0.85 17.59 1.42
CA PRO B 218 2.26 17.61 1.78
C PRO B 218 3.25 17.39 0.64
N ILE B 219 2.95 16.51 -0.32
CA ILE B 219 3.86 16.28 -1.46
C ILE B 219 4.15 17.56 -2.27
N GLY B 220 3.28 18.57 -2.12
CA GLY B 220 3.56 19.91 -2.67
C GLY B 220 3.42 20.00 -4.18
N ARG B 221 2.73 19.04 -4.77
CA ARG B 221 2.57 19.00 -6.22
C ARG B 221 1.33 18.20 -6.54
N MET B 222 0.84 18.32 -7.77
CA MET B 222 -0.44 17.73 -8.16
C MET B 222 -0.17 16.58 -9.12
N PRO B 223 -0.18 15.33 -8.61
CA PRO B 223 0.20 14.23 -9.48
C PRO B 223 -0.66 14.06 -10.74
N ALA B 224 -0.04 13.69 -11.86
CA ALA B 224 -0.78 13.28 -13.05
C ALA B 224 -1.50 11.98 -12.74
N LEU B 225 -2.59 11.72 -13.48
CA LEU B 225 -3.45 10.55 -13.21
C LEU B 225 -2.66 9.25 -13.31
N GLU B 226 -1.75 9.19 -14.28
CA GLU B 226 -0.88 8.03 -14.46
C GLU B 226 -0.14 7.65 -13.18
N GLU B 227 0.15 8.64 -12.34
CA GLU B 227 0.89 8.41 -11.08
C GLU B 227 0.16 7.60 -10.04
N TYR B 228 -1.14 7.44 -10.20
CA TYR B 228 -1.94 6.67 -9.27
C TYR B 228 -2.16 5.21 -9.72
N THR B 229 -1.66 4.85 -10.88
CA THR B 229 -1.91 3.49 -11.40
C THR B 229 -0.98 2.42 -10.78
N GLY B 230 0.18 2.86 -10.28
CA GLY B 230 1.19 1.96 -9.73
C GLY B 230 0.72 1.13 -8.54
N ALA B 231 -0.10 1.71 -7.67
CA ALA B 231 -0.65 0.96 -6.51
C ALA B 231 -1.54 -0.20 -6.96
N TYR B 232 -2.28 0.00 -8.05
CA TYR B 232 -3.20 -1.02 -8.55
C TYR B 232 -2.43 -2.16 -9.24
N VAL B 233 -1.36 -1.79 -9.95
CA VAL B 233 -0.49 -2.78 -10.58
C VAL B 233 0.10 -3.69 -9.51
N PHE B 234 0.58 -3.08 -8.43
CA PHE B 234 1.10 -3.82 -7.28
C PHE B 234 0.10 -4.85 -6.76
N PHE B 235 -1.14 -4.43 -6.53
CA PHE B 235 -2.17 -5.36 -6.06
C PHE B 235 -2.55 -6.39 -7.13
N ALA B 236 -2.37 -6.07 -8.41
CA ALA B 236 -2.61 -7.03 -9.50
C ALA B 236 -1.45 -8.00 -9.77
N THR B 237 -0.32 -7.79 -9.10
CA THR B 237 0.90 -8.59 -9.32
C THR B 237 0.96 -9.70 -8.26
N ARG B 238 0.72 -10.92 -8.72
CA ARG B 238 0.57 -12.05 -7.80
C ARG B 238 1.87 -12.35 -7.06
N GLY B 239 3.01 -12.21 -7.73
CA GLY B 239 4.31 -12.49 -7.12
C GLY B 239 4.76 -11.47 -6.07
N ASP B 240 4.10 -10.31 -6.05
CA ASP B 240 4.47 -9.17 -5.19
C ASP B 240 3.52 -8.86 -4.04
N SER B 241 2.24 -9.24 -4.18
CA SER B 241 1.22 -8.78 -3.25
C SER B 241 0.51 -9.92 -2.54
N LEU B 242 1.10 -11.10 -2.56
CA LEU B 242 0.44 -12.29 -2.05
C LEU B 242 0.05 -12.18 -0.55
N PRO B 243 0.92 -11.60 0.28
CA PRO B 243 0.50 -11.42 1.66
C PRO B 243 -0.58 -10.37 1.94
N ALA B 244 -0.98 -9.56 0.95
CA ALA B 244 -1.88 -8.44 1.23
C ALA B 244 -3.33 -8.85 1.07
N THR B 245 -4.04 -8.80 2.20
CA THR B 245 -5.46 -8.76 2.17
C THR B 245 -6.01 -7.95 3.34
N GLY B 246 -7.05 -7.21 3.02
CA GLY B 246 -7.67 -6.27 3.93
C GLY B 246 -6.92 -4.97 4.07
N ALA B 247 -5.90 -4.75 3.23
CA ALA B 247 -5.07 -3.56 3.30
C ALA B 247 -5.75 -2.34 2.72
N LEU B 248 -5.37 -1.20 3.27
CA LEU B 248 -5.91 0.09 2.88
C LEU B 248 -4.75 1.04 2.61
N LEU B 249 -4.53 1.38 1.34
CA LEU B 249 -3.40 2.21 0.96
C LEU B 249 -3.83 3.62 0.65
N ASN B 250 -3.57 4.54 1.57
CA ASN B 250 -3.88 5.94 1.31
C ASN B 250 -2.87 6.44 0.30
N TYR B 251 -3.36 7.12 -0.73
CA TYR B 251 -2.57 7.41 -1.91
C TYR B 251 -3.01 8.81 -2.31
N ASP B 252 -2.75 9.77 -1.42
CA ASP B 252 -3.45 11.06 -1.50
C ASP B 252 -2.54 12.27 -1.28
N GLY B 253 -1.24 12.09 -1.53
CA GLY B 253 -0.29 13.17 -1.42
C GLY B 253 -0.02 13.53 0.03
N GLY B 254 -0.50 12.73 0.97
CA GLY B 254 -0.24 12.92 2.40
C GLY B 254 -1.32 13.66 3.15
N MET B 255 -2.54 13.67 2.62
CA MET B 255 -3.63 14.43 3.25
C MET B 255 -3.79 14.12 4.75
N GLY B 256 -3.68 12.85 5.11
CA GLY B 256 -3.81 12.42 6.50
C GLY B 256 -2.62 12.69 7.40
N VAL B 257 -1.50 13.16 6.84
CA VAL B 257 -0.34 13.52 7.65
C VAL B 257 0.06 14.99 7.43
N ARG B 258 -0.91 15.81 7.06
CA ARG B 258 -0.65 17.23 6.79
C ARG B 258 -0.60 17.98 8.12
N GLY B 259 0.19 19.04 8.17
CA GLY B 259 0.36 19.85 9.38
C GLY B 259 -0.82 20.78 9.61
N PHE B 260 -0.74 21.52 10.72
CA PHE B 260 -1.79 22.47 11.12
C PHE B 260 -1.76 23.78 10.34
N LEU B 261 -0.59 24.43 10.30
CA LEU B 261 -0.48 25.73 9.63
C LEU B 261 -0.27 25.61 8.12
N THR B 262 0.49 24.61 7.68
CA THR B 262 0.72 24.34 6.27
C THR B 262 0.78 22.84 6.13
N ALA B 263 0.53 22.33 4.92
CA ALA B 263 0.46 20.88 4.73
C ALA B 263 1.81 20.20 5.00
N ALA B 264 2.89 20.74 4.42
CA ALA B 264 4.24 20.18 4.51
C ALA B 264 5.04 20.83 5.62
N GLY B 265 5.86 20.05 6.32
CA GLY B 265 6.72 20.57 7.39
C GLY B 265 8.15 20.93 7.01
N GLY B 266 8.55 20.60 5.78
CA GLY B 266 9.95 20.70 5.36
C GLY B 266 10.28 21.79 4.37
N ALA B 267 9.57 22.92 4.40
CA ALA B 267 9.90 24.08 3.56
C ALA B 267 11.34 24.56 3.76
N ASP B 268 11.79 24.57 5.01
CA ASP B 268 13.11 25.07 5.34
C ASP B 268 14.18 23.97 5.37
N LEU B 269 13.85 22.78 4.86
CA LEU B 269 14.76 21.63 4.96
C LEU B 269 16.05 21.81 4.17
N PRO B 270 15.95 22.10 2.85
CA PRO B 270 17.14 22.13 1.99
C PRO B 270 18.17 23.18 2.38
N GLU B 271 17.70 24.36 2.80
CA GLU B 271 18.60 25.39 3.27
C GLU B 271 19.23 24.96 4.60
N LYS B 272 18.45 24.30 5.43
CA LYS B 272 18.94 23.80 6.72
C LYS B 272 20.06 22.76 6.59
N LEU B 273 20.09 22.05 5.47
CA LEU B 273 21.10 21.01 5.23
C LEU B 273 22.14 21.39 4.18
N ASN B 274 22.01 22.61 3.62
CA ASN B 274 22.97 23.11 2.61
C ASN B 274 22.93 22.29 1.30
N ILE B 275 24.10 22.06 0.68
CA ILE B 275 24.23 21.35 -0.61
C ILE B 275 23.61 22.13 -1.78
#